data_3O43
#
_entry.id   3O43
#
_cell.length_a   47.808
_cell.length_b   57.621
_cell.length_c   101.840
_cell.angle_alpha   90.00
_cell.angle_beta   90.00
_cell.angle_gamma   90.00
#
_symmetry.space_group_name_H-M   'P 21 21 21'
#
loop_
_entity.id
_entity.type
_entity.pdbx_description
1 polymer gp41-5
2 polymer 'alpha/beta-peptide derived from gp41 CHR domain sequence'
3 non-polymer GLYCEROL
4 water water
#
loop_
_entity_poly.entity_id
_entity_poly.type
_entity_poly.pdbx_seq_one_letter_code
_entity_poly.pdbx_strand_id
1 'polypeptide(L)'
;SGIVQQQNNLLRAIEAQQHLLQLTVWGIKQLQARILSGGSGGWMEWDREINNYTSLIHSLIEESQNQQEKNEQELLGGSG
GSGIVQQQNNLLRAIEAQQHLLQLTVWGIKQLQARILSGGSGGWMEWDREINNYTSLIHSLIEESQNQQEKNEQELLGGS
GGSGIVQQQNNLLRAIEAQQHLLQLTVWGIKQLQARIL
;
A
2 'polypeptide(L)'
;(ACE)(B3T)TWE(XCP)WD(XPC)AIA(B3E)YA(XCP)RIE(XCP)LI(XPC)AAQ(B3E)QQ(B3E)KNE(XCP)AL
(XPC)EL(NH2)
;
B
#
# COMPACT_ATOMS: atom_id res chain seq x y z
N SER A 1 0.91 -24.48 -6.17
CA SER A 1 0.29 -23.79 -5.03
C SER A 1 1.22 -23.36 -3.88
N GLY A 2 2.52 -23.14 -4.16
CA GLY A 2 3.38 -22.36 -3.26
C GLY A 2 2.70 -21.01 -3.14
N ILE A 3 1.86 -20.73 -4.12
CA ILE A 3 1.01 -19.55 -4.17
C ILE A 3 0.19 -19.27 -2.91
N VAL A 4 -0.54 -20.26 -2.40
CA VAL A 4 -1.36 -20.00 -1.23
C VAL A 4 -0.50 -19.48 -0.11
N GLN A 5 0.69 -20.05 0.05
CA GLN A 5 1.61 -19.57 1.07
C GLN A 5 2.07 -18.16 0.77
N GLN A 6 2.40 -17.89 -0.49
CA GLN A 6 2.86 -16.57 -0.89
C GLN A 6 1.79 -15.52 -0.69
N GLN A 7 0.55 -15.90 -0.99
CA GLN A 7 -0.56 -15.01 -0.76
C GLN A 7 -0.56 -14.55 0.69
N ASN A 8 -0.32 -15.49 1.61
CA ASN A 8 -0.30 -15.18 3.04
C ASN A 8 0.75 -14.13 3.36
N ASN A 9 1.98 -14.31 2.84
CA ASN A 9 3.05 -13.32 2.94
C ASN A 9 2.61 -11.99 2.33
N LEU A 10 1.92 -12.03 1.19
CA LEU A 10 1.48 -10.78 0.56
C LEU A 10 0.48 -10.04 1.47
N LEU A 11 -0.48 -10.78 1.99
CA LEU A 11 -1.47 -10.25 2.91
C LEU A 11 -0.80 -9.70 4.17
N ARG A 12 0.14 -10.47 4.72
CA ARG A 12 0.86 -10.00 5.89
C ARG A 12 1.59 -8.67 5.62
N ALA A 13 2.24 -8.55 4.46
CA ALA A 13 2.85 -7.28 4.04
C ALA A 13 1.83 -6.20 4.07
N ILE A 14 0.67 -6.43 3.46
CA ILE A 14 -0.34 -5.38 3.41
C ILE A 14 -0.79 -4.96 4.80
N GLU A 15 -0.92 -5.90 5.75
CA GLU A 15 -1.19 -5.53 7.15
C GLU A 15 -0.05 -4.73 7.75
N ALA A 16 1.19 -5.21 7.61
CA ALA A 16 2.37 -4.44 8.06
C ALA A 16 2.30 -2.97 7.58
N GLN A 17 2.12 -2.78 6.29
CA GLN A 17 2.00 -1.45 5.70
C GLN A 17 0.81 -0.66 6.29
N GLN A 18 -0.25 -1.33 6.67
CA GLN A 18 -1.42 -0.58 7.18
C GLN A 18 -1.10 0.01 8.56
N HIS A 19 -0.38 -0.75 9.36
CA HIS A 19 0.06 -0.28 10.64
C HIS A 19 0.97 0.93 10.40
N LEU A 20 1.87 0.78 9.43
CA LEU A 20 2.79 1.82 9.10
C LEU A 20 2.06 3.08 8.63
N LEU A 21 1.09 2.92 7.74
CA LEU A 21 0.27 4.06 7.31
C LEU A 21 -0.32 4.77 8.49
N GLN A 22 -0.79 4.00 9.45
CA GLN A 22 -1.53 4.58 10.54
C GLN A 22 -0.58 5.42 11.40
N LEU A 23 0.68 5.04 11.50
CA LEU A 23 1.68 5.81 12.26
C LEU A 23 2.02 7.14 11.56
N THR A 24 1.80 7.22 10.25
CA THR A 24 2.05 8.43 9.51
C THR A 24 0.85 9.38 9.64
N VAL A 25 -0.36 8.82 9.61
CA VAL A 25 -1.53 9.64 9.87
C VAL A 25 -1.34 10.27 11.25
N TRP A 26 -0.88 9.50 12.22
CA TRP A 26 -0.63 10.03 13.56
C TRP A 26 0.35 11.22 13.48
N GLY A 27 1.43 11.06 12.73
CA GLY A 27 2.45 12.11 12.60
C GLY A 27 1.92 13.39 11.96
N ILE A 28 1.06 13.24 10.96
CA ILE A 28 0.48 14.36 10.25
C ILE A 28 -0.47 15.11 11.15
N LYS A 29 -1.32 14.40 11.84
CA LYS A 29 -2.26 15.04 12.78
C LYS A 29 -1.58 15.91 13.87
N GLN A 30 -0.42 15.47 14.33
CA GLN A 30 0.33 16.24 15.31
C GLN A 30 0.83 17.56 14.72
N LEU A 31 1.48 17.42 13.57
CA LEU A 31 2.03 18.52 12.83
C LEU A 31 0.90 19.49 12.50
N GLN A 32 -0.21 18.94 12.03
CA GLN A 32 -1.33 19.76 11.64
C GLN A 32 -1.89 20.55 12.81
N ALA A 33 -1.99 19.92 13.98
CA ALA A 33 -2.39 20.65 15.19
C ALA A 33 -1.58 21.94 15.34
N ARG A 34 -0.27 21.86 15.17
CA ARG A 34 0.61 23.01 15.40
C ARG A 34 0.56 24.06 14.30
N ILE A 35 0.30 23.65 13.06
CA ILE A 35 0.33 24.54 11.89
C ILE A 35 -1.05 25.10 11.45
N LEU A 36 -2.16 24.50 11.88
CA LEU A 36 -3.51 24.87 11.38
C LEU A 36 -4.64 24.83 12.42
N SER A 37 -5.83 25.31 12.03
CA SER A 37 -7.08 25.16 12.84
C SER A 37 -7.85 23.84 12.59
N GLY A 38 -8.13 23.52 11.32
CA GLY A 38 -8.83 22.27 10.94
C GLY A 38 -10.09 22.45 10.10
N GLY A 39 -10.79 23.54 10.33
CA GLY A 39 -12.08 23.80 9.68
C GLY A 39 -11.96 24.49 8.34
N SER A 40 -10.91 24.14 7.58
CA SER A 40 -10.55 24.86 6.34
C SER A 40 -9.33 24.30 5.61
N GLY A 41 -9.37 24.42 4.29
CA GLY A 41 -8.33 23.92 3.40
C GLY A 41 -8.57 22.47 3.00
N GLY A 42 -9.75 21.94 3.36
CA GLY A 42 -10.09 20.55 3.08
C GLY A 42 -9.58 19.58 4.13
N TRP A 43 -9.51 20.03 5.39
CA TRP A 43 -8.96 19.23 6.48
C TRP A 43 -9.98 18.45 7.33
N MET A 44 -11.22 18.96 7.45
CA MET A 44 -12.33 18.20 8.06
C MET A 44 -12.64 16.96 7.21
N GLU A 45 -12.65 17.15 5.90
CA GLU A 45 -12.92 16.06 4.94
C GLU A 45 -11.79 15.03 4.85
N TRP A 46 -10.55 15.49 4.87
CA TRP A 46 -9.37 14.63 5.03
C TRP A 46 -9.55 13.67 6.20
N ASP A 47 -9.84 14.22 7.37
CA ASP A 47 -10.06 13.43 8.57
C ASP A 47 -11.15 12.38 8.36
N ARG A 48 -12.26 12.83 7.80
CA ARG A 48 -13.40 11.98 7.48
C ARG A 48 -13.02 10.88 6.45
N GLU A 49 -12.13 11.20 5.51
CA GLU A 49 -11.78 10.27 4.42
C GLU A 49 -10.66 9.27 4.80
N ILE A 50 -9.73 9.67 5.65
CA ILE A 50 -8.84 8.72 6.29
C ILE A 50 -9.68 7.68 7.03
N ASN A 51 -10.70 8.12 7.75
CA ASN A 51 -11.54 7.16 8.50
C ASN A 51 -12.33 6.24 7.59
N ASN A 52 -12.91 6.78 6.52
CA ASN A 52 -13.66 5.96 5.55
C ASN A 52 -12.82 4.85 4.88
N TYR A 53 -11.61 5.17 4.44
CA TYR A 53 -10.69 4.18 3.82
C TYR A 53 -10.01 3.26 4.84
N THR A 54 -9.85 3.74 6.08
CA THR A 54 -9.31 2.90 7.14
C THR A 54 -10.30 1.76 7.43
N SER A 55 -11.56 2.14 7.72
CA SER A 55 -12.66 1.19 7.77
C SER A 55 -12.67 0.26 6.55
N LEU A 56 -12.58 0.80 5.35
CA LEU A 56 -12.62 -0.04 4.17
C LEU A 56 -11.48 -1.07 4.21
N ILE A 57 -10.26 -0.62 4.51
CA ILE A 57 -9.10 -1.52 4.51
C ILE A 57 -9.23 -2.57 5.60
N HIS A 58 -9.79 -2.19 6.75
CA HIS A 58 -10.05 -3.18 7.81
C HIS A 58 -10.97 -4.32 7.35
N SER A 59 -12.00 -3.99 6.57
CA SER A 59 -12.92 -5.01 6.04
C SER A 59 -12.24 -5.93 4.99
N LEU A 60 -11.48 -5.33 4.11
CA LEU A 60 -10.79 -6.10 3.12
C LEU A 60 -9.78 -7.08 3.75
N ILE A 61 -9.03 -6.60 4.75
CA ILE A 61 -8.12 -7.45 5.51
C ILE A 61 -8.88 -8.55 6.24
N GLU A 62 -10.02 -8.23 6.85
CA GLU A 62 -10.87 -9.26 7.50
C GLU A 62 -11.31 -10.28 6.43
N GLU A 63 -11.96 -9.79 5.38
CA GLU A 63 -12.39 -10.65 4.25
C GLU A 63 -11.25 -11.52 3.66
N SER A 64 -10.06 -10.96 3.61
CA SER A 64 -8.91 -11.65 3.01
C SER A 64 -8.35 -12.70 3.94
N GLN A 65 -8.32 -12.43 5.24
CA GLN A 65 -7.91 -13.44 6.21
C GLN A 65 -8.84 -14.66 6.15
N ASN A 66 -10.14 -14.42 6.02
CA ASN A 66 -11.09 -15.51 5.98
C ASN A 66 -10.94 -16.38 4.73
N GLN A 67 -10.68 -15.75 3.59
CA GLN A 67 -10.50 -16.47 2.33
C GLN A 67 -9.23 -17.28 2.40
N GLN A 68 -8.23 -16.68 3.01
CA GLN A 68 -6.94 -17.32 3.21
C GLN A 68 -7.08 -18.64 3.99
N GLU A 69 -7.76 -18.61 5.15
CA GLU A 69 -8.01 -19.81 5.94
C GLU A 69 -8.70 -20.89 5.10
N LYS A 70 -9.69 -20.45 4.32
CA LYS A 70 -10.49 -21.33 3.48
C LYS A 70 -9.57 -22.08 2.51
N ASN A 71 -8.69 -21.30 1.85
CA ASN A 71 -7.73 -21.83 0.88
C ASN A 71 -6.77 -22.84 1.51
N GLU A 72 -6.34 -22.56 2.74
CA GLU A 72 -5.49 -23.45 3.52
C GLU A 72 -6.21 -24.78 3.86
N GLN A 73 -7.51 -24.73 4.15
CA GLN A 73 -8.28 -25.96 4.35
C GLN A 73 -8.48 -26.79 3.07
N GLU A 74 -8.17 -26.21 1.93
CA GLU A 74 -8.48 -26.81 0.62
C GLU A 74 -7.30 -27.25 -0.28
N LEU A 75 -6.09 -27.24 0.24
CA LEU A 75 -4.93 -27.63 -0.56
C LEU A 75 -4.96 -29.07 -1.07
N LEU A 76 -5.43 -30.00 -0.23
CA LEU A 76 -5.49 -31.43 -0.62
C LEU A 76 -6.69 -31.89 -1.48
N GLY A 77 -7.87 -31.34 -1.23
CA GLY A 77 -9.10 -31.82 -1.89
C GLY A 77 -9.26 -31.56 -3.38
N GLY A 78 -8.42 -30.68 -3.94
CA GLY A 78 -8.65 -30.20 -5.30
C GLY A 78 -9.93 -29.38 -5.31
N SER A 79 -10.52 -29.19 -6.50
CA SER A 79 -11.61 -28.21 -6.70
C SER A 79 -11.21 -26.81 -6.20
N GLY A 80 -9.90 -26.54 -6.27
CA GLY A 80 -9.33 -25.24 -5.88
C GLY A 80 -9.08 -24.46 -7.16
N GLY A 81 -8.19 -23.45 -7.08
CA GLY A 81 -7.94 -22.55 -8.23
C GLY A 81 -8.92 -21.38 -8.31
N SER A 82 -10.12 -21.57 -7.76
CA SER A 82 -11.17 -20.55 -7.72
C SER A 82 -10.98 -19.61 -6.52
N GLY A 83 -10.66 -20.20 -5.37
CA GLY A 83 -10.32 -19.44 -4.17
C GLY A 83 -9.02 -18.69 -4.33
N ILE A 84 -8.07 -19.28 -5.05
CA ILE A 84 -6.81 -18.60 -5.32
C ILE A 84 -7.01 -17.32 -6.13
N VAL A 85 -7.89 -17.39 -7.13
CA VAL A 85 -8.20 -16.24 -7.96
C VAL A 85 -9.02 -15.25 -7.16
N GLN A 86 -9.98 -15.74 -6.38
CA GLN A 86 -10.75 -14.86 -5.50
C GLN A 86 -9.80 -14.06 -4.63
N GLN A 87 -8.82 -14.74 -4.05
CA GLN A 87 -7.90 -14.12 -3.15
C GLN A 87 -7.08 -13.05 -3.85
N GLN A 88 -6.59 -13.35 -5.04
CA GLN A 88 -5.88 -12.33 -5.79
C GLN A 88 -6.73 -11.07 -5.89
N ASN A 89 -8.02 -11.22 -6.17
CA ASN A 89 -8.96 -10.09 -6.26
C ASN A 89 -9.01 -9.32 -4.94
N ASN A 90 -8.97 -10.05 -3.84
CA ASN A 90 -9.04 -9.43 -2.53
C ASN A 90 -7.79 -8.62 -2.22
N LEU A 91 -6.61 -9.13 -2.56
CA LEU A 91 -5.38 -8.41 -2.26
C LEU A 91 -5.28 -7.15 -3.13
N LEU A 92 -5.59 -7.30 -4.42
CA LEU A 92 -5.62 -6.20 -5.34
C LEU A 92 -6.44 -5.07 -4.74
N ARG A 93 -7.67 -5.37 -4.34
CA ARG A 93 -8.56 -4.39 -3.71
C ARG A 93 -7.96 -3.72 -2.47
N ALA A 94 -7.22 -4.49 -1.68
CA ALA A 94 -6.61 -3.95 -0.46
C ALA A 94 -5.53 -2.95 -0.89
N ILE A 95 -4.77 -3.32 -1.90
CA ILE A 95 -3.74 -2.46 -2.41
C ILE A 95 -4.32 -1.15 -2.89
N GLU A 96 -5.46 -1.20 -3.58
CA GLU A 96 -6.06 0.02 -4.10
C GLU A 96 -6.52 0.92 -2.98
N ALA A 97 -7.05 0.30 -1.92
CA ALA A 97 -7.57 1.06 -0.80
C ALA A 97 -6.39 1.74 -0.15
N GLN A 98 -5.30 1.01 0.03
CA GLN A 98 -4.10 1.60 0.62
C GLN A 98 -3.51 2.71 -0.24
N GLN A 99 -3.68 2.59 -1.55
CA GLN A 99 -3.25 3.66 -2.45
C GLN A 99 -4.08 4.91 -2.23
N HIS A 100 -5.38 4.76 -2.09
CA HIS A 100 -6.17 5.93 -1.71
C HIS A 100 -5.67 6.56 -0.40
N LEU A 101 -5.16 5.74 0.51
CA LEU A 101 -4.67 6.25 1.77
C LEU A 101 -3.31 6.99 1.63
N LEU A 102 -2.43 6.47 0.81
CA LEU A 102 -1.14 7.10 0.66
C LEU A 102 -1.36 8.44 -0.02
N GLN A 103 -2.20 8.47 -1.04
CA GLN A 103 -2.49 9.72 -1.78
C GLN A 103 -2.97 10.87 -0.85
N LEU A 104 -3.82 10.50 0.09
CA LEU A 104 -4.29 11.36 1.16
C LEU A 104 -3.18 11.87 2.09
N THR A 105 -2.37 10.96 2.59
CA THR A 105 -1.26 11.37 3.45
C THR A 105 -0.26 12.23 2.67
N VAL A 106 -0.01 11.83 1.44
CA VAL A 106 0.84 12.60 0.51
C VAL A 106 0.31 14.04 0.37
N TRP A 107 -1.00 14.18 0.19
CA TRP A 107 -1.61 15.50 0.06
C TRP A 107 -1.42 16.28 1.36
N GLY A 108 -1.56 15.59 2.47
CA GLY A 108 -1.48 16.27 3.75
C GLY A 108 -0.12 16.90 3.91
N ILE A 109 0.90 16.15 3.58
CA ILE A 109 2.28 16.60 3.75
C ILE A 109 2.63 17.74 2.83
N LYS A 110 2.12 17.69 1.61
CA LYS A 110 2.34 18.77 0.67
C LYS A 110 1.72 20.01 1.23
N GLN A 111 0.53 19.91 1.82
CA GLN A 111 -0.14 21.11 2.30
C GLN A 111 0.65 21.74 3.41
N LEU A 112 1.20 20.92 4.29
CA LEU A 112 1.95 21.42 5.45
C LEU A 112 3.26 22.04 5.02
N GLN A 113 4.04 21.27 4.25
CA GLN A 113 5.31 21.75 3.73
C GLN A 113 5.16 23.10 3.02
N ALA A 114 4.14 23.23 2.16
CA ALA A 114 3.84 24.50 1.46
C ALA A 114 3.87 25.71 2.40
N ARG A 115 3.35 25.54 3.59
CA ARG A 115 3.14 26.64 4.51
C ARG A 115 4.43 27.02 5.24
N ILE A 116 5.29 26.04 5.54
CA ILE A 116 6.46 26.27 6.43
C ILE A 116 7.88 26.08 5.83
N LEU A 117 8.00 25.40 4.70
CA LEU A 117 9.31 25.24 4.07
C LEU A 117 9.25 25.69 2.63
N SER A 118 10.41 26.10 2.11
CA SER A 118 10.61 26.34 0.69
C SER A 118 10.65 25.00 -0.02
N GLY A 119 9.70 24.77 -0.93
N GLY A 119 9.66 24.74 -0.87
CA GLY A 119 9.69 23.52 -1.70
CA GLY A 119 9.65 23.51 -1.66
C GLY A 119 10.96 23.30 -2.51
C GLY A 119 10.95 23.24 -2.41
N GLY A 120 11.68 24.38 -2.79
N GLY A 120 11.67 24.30 -2.77
CA GLY A 120 12.84 24.36 -3.67
CA GLY A 120 12.83 24.23 -3.65
C GLY A 120 14.08 23.60 -3.20
C GLY A 120 14.04 23.44 -3.18
N SER A 121 14.13 23.24 -1.93
N SER A 121 13.90 22.78 -2.04
CA SER A 121 15.30 22.50 -1.45
CA SER A 121 14.81 21.67 -1.74
C SER A 121 15.49 21.28 -2.34
C SER A 121 15.60 21.79 -0.44
N GLY A 122 16.74 20.88 -2.51
N GLY A 122 15.25 20.87 0.46
CA GLY A 122 17.04 19.74 -3.36
CA GLY A 122 16.11 20.43 1.55
C GLY A 122 16.37 18.49 -2.83
C GLY A 122 16.04 18.95 1.31
N GLY A 123 16.39 18.36 -1.51
N GLY A 123 16.07 18.61 0.02
CA GLY A 123 15.76 17.24 -0.82
CA GLY A 123 15.74 17.28 -0.50
C GLY A 123 14.30 17.15 -1.15
C GLY A 123 14.33 17.17 -1.09
N TRP A 124 13.60 18.29 -1.14
CA TRP A 124 12.15 18.34 -1.46
C TRP A 124 11.79 18.35 -2.94
N MET A 125 12.72 18.71 -3.82
CA MET A 125 12.46 18.64 -5.25
C MET A 125 12.64 17.22 -5.72
N GLU A 126 13.57 16.47 -5.12
CA GLU A 126 13.66 15.02 -5.39
C GLU A 126 12.40 14.29 -4.90
N TRP A 127 12.04 14.56 -3.65
CA TRP A 127 10.84 14.02 -3.04
C TRP A 127 9.63 14.15 -3.99
N ASP A 128 9.42 15.35 -4.50
CA ASP A 128 8.26 15.62 -5.36
C ASP A 128 8.32 14.72 -6.62
N ARG A 129 9.49 14.62 -7.23
CA ARG A 129 9.65 13.74 -8.41
C ARG A 129 9.45 12.27 -8.03
N GLU A 130 10.06 11.83 -6.95
CA GLU A 130 9.93 10.44 -6.52
C GLU A 130 8.47 10.07 -6.21
N ILE A 131 7.77 10.97 -5.52
CA ILE A 131 6.35 10.79 -5.29
C ILE A 131 5.58 10.69 -6.63
N ASN A 132 5.81 11.62 -7.57
CA ASN A 132 5.07 11.58 -8.83
C ASN A 132 5.36 10.26 -9.59
N ASN A 133 6.61 9.81 -9.52
CA ASN A 133 7.05 8.59 -10.19
C ASN A 133 6.44 7.31 -9.62
N TYR A 134 6.64 7.14 -8.33
CA TYR A 134 6.10 5.98 -7.66
C TYR A 134 4.57 5.93 -7.76
N THR A 135 3.93 7.08 -7.84
CA THR A 135 2.48 7.12 -7.95
C THR A 135 2.03 6.66 -9.31
N SER A 136 2.77 7.03 -10.33
CA SER A 136 2.50 6.60 -11.69
C SER A 136 2.81 5.11 -11.83
N LEU A 137 3.85 4.66 -11.13
CA LEU A 137 4.31 3.27 -11.25
C LEU A 137 3.27 2.40 -10.64
N ILE A 138 2.68 2.88 -9.55
CA ILE A 138 1.66 2.12 -8.82
C ILE A 138 0.34 2.00 -9.59
N HIS A 139 -0.09 3.08 -10.23
CA HIS A 139 -1.33 3.08 -10.98
C HIS A 139 -1.21 2.15 -12.17
N SER A 140 -0.03 2.16 -12.76
CA SER A 140 0.30 1.32 -13.89
C SER A 140 0.18 -0.15 -13.50
N LEU A 141 0.81 -0.53 -12.40
CA LEU A 141 0.75 -1.92 -11.89
C LEU A 141 -0.67 -2.32 -11.48
N ILE A 142 -1.41 -1.41 -10.85
CA ILE A 142 -2.84 -1.65 -10.55
C ILE A 142 -3.64 -1.83 -11.85
N GLU A 143 -3.46 -0.93 -12.80
CA GLU A 143 -4.15 -1.02 -14.07
C GLU A 143 -3.88 -2.38 -14.66
N GLU A 144 -2.62 -2.82 -14.56
CA GLU A 144 -2.15 -4.05 -15.21
C GLU A 144 -2.67 -5.29 -14.49
N SER A 145 -2.71 -5.19 -13.16
CA SER A 145 -3.27 -6.23 -12.30
C SER A 145 -4.74 -6.38 -12.54
N GLN A 146 -5.43 -5.26 -12.69
CA GLN A 146 -6.86 -5.32 -13.02
C GLN A 146 -7.07 -6.09 -14.33
N ASN A 147 -6.28 -5.77 -15.35
CA ASN A 147 -6.41 -6.43 -16.64
C ASN A 147 -6.17 -7.94 -16.57
N GLN A 148 -5.23 -8.34 -15.73
CA GLN A 148 -4.87 -9.75 -15.53
C GLN A 148 -5.91 -10.55 -14.75
N GLN A 149 -6.54 -9.90 -13.78
CA GLN A 149 -7.55 -10.51 -12.95
C GLN A 149 -8.70 -10.96 -13.83
N GLU A 150 -9.15 -10.06 -14.71
CA GLU A 150 -10.24 -10.36 -15.65
C GLU A 150 -9.85 -11.48 -16.60
N LYS A 151 -8.59 -11.49 -17.01
CA LYS A 151 -8.06 -12.51 -17.91
C LYS A 151 -8.02 -13.87 -17.17
N ASN A 152 -7.50 -13.86 -15.96
CA ASN A 152 -7.45 -15.05 -15.14
C ASN A 152 -8.83 -15.64 -14.87
N GLU A 153 -9.79 -14.76 -14.59
CA GLU A 153 -11.15 -15.20 -14.27
C GLU A 153 -11.77 -15.82 -15.52
N GLN A 154 -11.72 -15.11 -16.65
CA GLN A 154 -12.24 -15.63 -17.90
C GLN A 154 -11.59 -16.96 -18.27
N GLU A 155 -10.30 -17.13 -17.96
CA GLU A 155 -9.57 -18.37 -18.30
C GLU A 155 -9.74 -19.51 -17.27
N LEU A 156 -10.42 -19.24 -16.17
CA LEU A 156 -10.71 -20.27 -15.16
C LEU A 156 -11.85 -21.20 -15.63
N LEU A 157 -12.49 -20.83 -16.74
CA LEU A 157 -13.52 -21.66 -17.39
C LEU A 157 -13.02 -23.06 -17.78
N GLY A 158 -11.94 -23.12 -18.55
CA GLY A 158 -11.33 -24.36 -19.01
C GLY A 158 -9.82 -24.37 -18.99
N GLY A 159 -9.23 -23.52 -18.14
CA GLY A 159 -7.79 -23.25 -18.13
C GLY A 159 -6.89 -24.44 -17.79
N SER A 160 -7.20 -25.14 -16.70
CA SER A 160 -6.42 -26.29 -16.20
C SER A 160 -5.04 -25.83 -15.70
N GLY A 161 -5.03 -24.68 -15.02
CA GLY A 161 -3.80 -24.06 -14.51
C GLY A 161 -3.29 -22.97 -15.42
N GLY A 162 -2.56 -22.01 -14.83
CA GLY A 162 -2.05 -20.87 -15.57
C GLY A 162 -0.85 -20.12 -14.99
N SER A 163 0.01 -19.69 -15.92
CA SER A 163 1.00 -18.66 -15.67
C SER A 163 0.33 -17.31 -15.38
N GLY A 164 -0.93 -17.17 -15.82
CA GLY A 164 -1.75 -16.00 -15.51
C GLY A 164 -1.85 -15.73 -14.02
N ILE A 165 -2.04 -16.79 -13.27
CA ILE A 165 -2.04 -16.76 -11.81
C ILE A 165 -0.68 -16.37 -11.25
N VAL A 166 0.41 -16.85 -11.87
CA VAL A 166 1.79 -16.54 -11.42
C VAL A 166 2.18 -15.13 -11.82
N GLN A 167 1.88 -14.72 -13.06
CA GLN A 167 2.06 -13.32 -13.45
C GLN A 167 1.33 -12.37 -12.47
N GLN A 168 0.09 -12.70 -12.12
CA GLN A 168 -0.65 -11.87 -11.23
C GLN A 168 0.02 -11.78 -9.87
N GLN A 169 0.57 -12.88 -9.40
CA GLN A 169 1.23 -12.91 -8.12
C GLN A 169 2.39 -11.90 -8.11
N ASN A 170 3.18 -11.94 -9.16
CA ASN A 170 4.22 -10.95 -9.41
C ASN A 170 3.72 -9.51 -9.39
N ASN A 171 2.57 -9.29 -10.01
CA ASN A 171 2.02 -7.96 -10.17
C ASN A 171 1.73 -7.36 -8.83
N LEU A 172 0.93 -8.09 -8.06
CA LEU A 172 0.60 -7.70 -6.69
C LEU A 172 1.87 -7.47 -5.85
N LEU A 173 2.88 -8.33 -5.99
CA LEU A 173 4.15 -8.14 -5.29
C LEU A 173 4.77 -6.79 -5.63
N ARG A 174 4.98 -6.58 -6.92
CA ARG A 174 5.64 -5.35 -7.37
C ARG A 174 4.86 -4.08 -6.98
N ALA A 175 3.54 -4.16 -6.90
CA ALA A 175 2.74 -3.03 -6.42
C ALA A 175 3.05 -2.72 -4.97
N ILE A 176 2.99 -3.73 -4.11
CA ILE A 176 3.39 -3.59 -2.72
C ILE A 176 4.80 -3.02 -2.57
N GLU A 177 5.77 -3.53 -3.33
CA GLU A 177 7.13 -2.97 -3.28
C GLU A 177 7.10 -1.44 -3.51
N ALA A 178 6.35 -1.04 -4.54
CA ALA A 178 6.19 0.37 -4.89
C ALA A 178 5.52 1.15 -3.73
N GLN A 179 4.44 0.63 -3.18
CA GLN A 179 3.84 1.30 -2.03
C GLN A 179 4.83 1.50 -0.89
N GLN A 180 5.70 0.52 -0.66
CA GLN A 180 6.72 0.69 0.39
C GLN A 180 7.62 1.87 0.16
N HIS A 181 7.95 2.13 -1.11
CA HIS A 181 8.85 3.22 -1.46
C HIS A 181 8.11 4.50 -1.16
N LEU A 182 6.86 4.54 -1.57
CA LEU A 182 6.02 5.70 -1.35
C LEU A 182 5.86 5.93 0.15
N LEU A 183 5.72 4.82 0.87
CA LEU A 183 5.65 4.84 2.33
C LEU A 183 6.95 5.39 2.98
N GLN A 184 8.10 5.04 2.44
CA GLN A 184 9.34 5.61 2.92
C GLN A 184 9.44 7.11 2.64
N LEU A 185 8.97 7.54 1.47
CA LEU A 185 8.98 8.96 1.14
C LEU A 185 8.07 9.74 2.12
N THR A 186 6.92 9.19 2.47
CA THR A 186 6.03 9.97 3.34
C THR A 186 6.60 10.09 4.77
N VAL A 187 7.38 9.10 5.20
CA VAL A 187 8.03 9.11 6.51
C VAL A 187 9.18 10.10 6.55
N TRP A 188 9.92 10.19 5.44
CA TRP A 188 10.97 11.20 5.31
C TRP A 188 10.38 12.62 5.48
N GLY A 189 9.32 12.92 4.73
CA GLY A 189 8.69 14.25 4.76
C GLY A 189 8.12 14.71 6.08
N ILE A 190 7.55 13.78 6.83
CA ILE A 190 7.09 14.02 8.20
C ILE A 190 8.26 14.33 9.13
N LYS A 191 9.36 13.59 8.96
CA LYS A 191 10.61 13.84 9.69
C LYS A 191 11.22 15.26 9.42
N GLN A 192 11.24 15.69 8.16
CA GLN A 192 11.64 17.06 7.82
C GLN A 192 10.71 18.09 8.48
N LEU A 193 9.41 17.87 8.34
CA LEU A 193 8.48 18.80 8.94
C LEU A 193 8.63 18.86 10.46
N GLN A 194 8.64 17.69 11.11
CA GLN A 194 8.75 17.60 12.55
C GLN A 194 10.01 18.27 13.12
N ALA A 195 11.14 18.08 12.41
CA ALA A 195 12.41 18.74 12.73
C ALA A 195 12.32 20.26 12.64
N ARG A 196 11.53 20.74 11.69
CA ARG A 196 11.29 22.16 11.51
C ARG A 196 10.48 22.78 12.67
N ILE A 197 9.45 22.09 13.15
CA ILE A 197 8.67 22.58 14.31
C ILE A 197 9.15 22.02 15.65
N LEU A 198 8.92 20.72 15.83
CA LEU A 198 8.72 20.11 17.14
C LEU A 198 10.05 19.77 17.82
N THR B 3 8.79 9.84 22.35
CA THR B 3 7.54 9.51 21.67
C THR B 3 7.73 9.56 20.18
N TRP B 4 8.32 10.64 19.69
CA TRP B 4 8.74 10.71 18.30
C TRP B 4 9.92 9.78 18.05
N GLU B 5 10.83 9.72 19.02
CA GLU B 5 12.08 8.97 18.87
C GLU B 5 11.84 7.47 18.96
N TRP B 7 7.88 6.30 18.08
CA TRP B 7 7.33 6.36 16.73
C TRP B 7 8.43 6.08 15.71
N ASP B 8 9.59 6.73 15.83
CA ASP B 8 10.62 6.56 14.80
C ASP B 8 11.15 5.14 14.80
N ALA B 10 9.16 2.01 16.16
CA ALA B 10 8.09 1.31 15.45
C ALA B 10 8.04 1.38 13.91
N ILE B 11 8.56 2.46 13.32
CA ILE B 11 8.57 2.58 11.86
C ILE B 11 9.71 1.74 11.36
N ALA B 12 10.94 2.17 11.66
CA ALA B 12 12.13 1.46 11.18
C ALA B 12 12.02 -0.05 11.45
N TYR B 14 8.19 -2.06 11.71
CA TYR B 14 7.44 -2.55 10.56
C TYR B 14 8.23 -2.45 9.26
N ALA B 15 8.97 -1.37 9.06
CA ALA B 15 9.59 -1.15 7.76
C ALA B 15 10.56 -2.27 7.44
N ARG B 17 10.10 -5.97 9.35
CA ARG B 17 9.08 -6.97 9.00
C ARG B 17 8.84 -7.02 7.50
N ILE B 18 8.51 -5.88 6.91
CA ILE B 18 8.10 -5.83 5.50
C ILE B 18 9.25 -6.07 4.55
N GLU B 19 10.37 -5.40 4.78
CA GLU B 19 11.47 -5.48 3.82
C GLU B 19 11.98 -6.92 3.78
N LEU B 21 9.23 -9.97 4.74
CA LEU B 21 8.11 -10.45 3.90
C LEU B 21 8.28 -10.24 2.39
N ILE B 22 8.77 -9.07 1.99
CA ILE B 22 9.01 -8.78 0.58
C ILE B 22 10.20 -9.56 0.05
N ALA B 24 11.06 -13.18 1.65
CA ALA B 24 10.20 -14.34 1.40
C ALA B 24 9.45 -14.36 0.06
N ALA B 25 8.69 -13.31 -0.20
CA ALA B 25 7.78 -13.30 -1.35
C ALA B 25 8.55 -13.35 -2.68
N GLN B 26 9.73 -12.69 -2.70
CA GLN B 26 10.60 -12.59 -3.89
C GLN B 26 11.37 -13.85 -4.14
N GLN B 28 10.02 -17.05 -2.97
CA GLN B 28 8.88 -17.74 -3.59
C GLN B 28 8.56 -17.43 -5.05
N GLN B 29 8.68 -16.19 -5.46
CA GLN B 29 8.34 -15.83 -6.83
C GLN B 29 9.40 -16.31 -7.79
N LYS B 31 11.22 -19.84 -6.75
CA LYS B 31 10.39 -21.07 -6.81
C LYS B 31 9.23 -21.07 -7.81
N ASN B 32 8.38 -20.06 -7.77
CA ASN B 32 7.21 -19.99 -8.67
C ASN B 32 7.61 -19.80 -10.16
N GLU B 33 8.47 -18.82 -10.44
CA GLU B 33 8.88 -18.52 -11.84
C GLU B 33 9.69 -19.66 -12.46
N ALA B 35 8.72 -23.57 -11.60
CA ALA B 35 7.54 -24.18 -12.22
C ALA B 35 7.22 -23.66 -13.64
N LEU B 36 6.91 -22.37 -13.77
CA LEU B 36 6.52 -21.79 -15.07
C LEU B 36 7.62 -20.94 -15.69
#